data_6WLK
#
_entry.id   6WLK
#
_entity_poly.entity_id   1
_entity_poly.type   'polyribonucleotide'
_entity_poly.pdbx_seq_one_letter_code
;GGCGAUAUGGCAUGGAAUCAGCUCAAGGAACUGUGAACGUAUAUCGGGCAACGACUAGGAAACUAGUCGUUGGGAAGAAA
CUGCCGAUAUACGGGAGUUCCUUGAGCGGGAGAUUCCAUGCCUAAGUCGC
;
_entity_poly.pdbx_strand_id   A
#